data_8RUK
#
_entry.id   8RUK
#
_cell.length_a   88.845
_cell.length_b   95.144
_cell.length_c   225.535
_cell.angle_alpha   90.00
_cell.angle_beta   90.00
_cell.angle_gamma   90.00
#
_symmetry.space_group_name_H-M   'P 21 21 21'
#
loop_
_entity.id
_entity.type
_entity.pdbx_description
1 polymer 'Domains 1-5'
2 non-polymer 2-[2,6-bis(bromanyl)-3,4,5-tris(oxidanyl)phenyl]carbonyl-~{N}-(2-pyrrolidin-1-ylethyl)-1-benzofuran-5-carboxamide
3 non-polymer 'MAGNESIUM ION'
4 non-polymer 'SODIUM ION'
5 water water
#
_entity_poly.entity_id   1
_entity_poly.type   'polyribonucleotide'
_entity_poly.pdbx_seq_one_letter_code
;GGGGUGUGCCCGGCAUGGGUGCAGUCUAUAGGGUGAGAGUCCCGAACUGUGAAGGCAGAAGUAACAGUUAGCCUAACGCA
AGGGUGUCCGUGGCGACAUGGAAUCUGAAGGAAGCGGACGGCAAACCUUCGGUCUGAGGAACACGAACUUCAUAUGAGGC
UAGGUAUCAAUGGAUGAGUUUGCAUAACAAAACAAAGUCCUUUCUGCCAAAGUUGGUACAGAGUAAAUGAAGCAGAUUGA
UGAAGGGAAAGACUGCAUUCUUACCCGGGGAGGUCUGGAAACAGAAGUCAGCAGAAGUCAUAGUACCCUGUUCGCAGGGG
AAGGACGGAACAAGUAUGGCGUUCGCGCCUAAGCUUGAACCGCCGUAUACCGAACGGUACGUACGGUGGUGUGG
;
_entity_poly.pdbx_strand_id   A
#
loop_
_chem_comp.id
_chem_comp.type
_chem_comp.name
_chem_comp.formula
A RNA linking ADENOSINE-5'-MONOPHOSPHATE 'C10 H14 N5 O7 P'
C RNA linking CYTIDINE-5'-MONOPHOSPHATE 'C9 H14 N3 O8 P'
G RNA linking GUANOSINE-5'-MONOPHOSPHATE 'C10 H14 N5 O8 P'
MG non-polymer 'MAGNESIUM ION' 'Mg 2'
NA non-polymer 'SODIUM ION' 'Na 1'
U RNA linking URIDINE-5'-MONOPHOSPHATE 'C9 H13 N2 O9 P'
VTR non-polymer 2-[2,6-bis(bromanyl)-3,4,5-tris(oxidanyl)phenyl]carbonyl-~{N}-(2-pyrrolidin-1-ylethyl)-1-benzofuran-5-carboxamide 'C22 H20 Br2 N2 O6'
#
# COMPACT_ATOMS: atom_id res chain seq x y z
C10 VTR B . -7.67 2.27 0.03
C15 VTR B . -5.98 0.50 -2.46
C17 VTR B . -5.32 -1.01 -1.15
C20 VTR B . -3.75 0.62 -1.58
C22 VTR B . -7.57 4.74 -0.02
C24 VTR B . -6.83 3.48 1.97
O01 VTR B . -1.56 -1.39 3.05
C02 VTR B . -2.97 -1.48 3.25
C03 VTR B . -3.65 -0.36 3.75
BR04 VTR B . -2.66 1.21 4.14
C05 VTR B . -5.07 -0.40 3.98
C06 VTR B . -5.89 0.85 4.50
C07 VTR B . -6.36 1.81 3.33
C08 VTR B . -6.85 1.25 2.17
C09 VTR B . -7.14 2.32 1.30
C11 VTR B . -7.90 3.47 -0.67
C12 VTR B . -8.45 3.27 -2.08
N13 VTR B . -7.57 2.53 -3.09
C14 VTR B . -6.15 2.01 -2.75
N16 VTR B . -5.29 0.22 -1.51
C18 VTR B . -3.91 -1.33 -0.53
C19 VTR B . -3.13 -0.08 -0.62
O21 VTR B . -9.53 3.65 -2.40
C23 VTR B . -7.04 4.76 1.28
O25 VTR B . -6.34 3.16 3.19
O26 VTR B . -6.14 1.03 5.64
C27 VTR B . -5.70 -1.54 3.67
BR28 VTR B . -7.60 -1.58 3.95
C29 VTR B . -5.05 -2.68 3.16
O30 VTR B . -5.74 -3.88 2.85
C31 VTR B . -3.66 -2.62 2.96
O32 VTR B . -3.06 -3.79 2.46
MG MG C . 29.48 36.27 14.01
MG MG D . 15.19 1.25 -5.70
MG MG E . 22.33 14.69 17.35
MG MG F . 12.47 9.60 -9.16
MG MG G . 39.27 19.40 5.31
MG MG H . 8.18 -7.53 -24.54
MG MG I . 34.47 17.03 6.33
MG MG J . 7.10 -16.20 -28.01
MG MG K . -1.19 -3.17 2.25
MG MG L . -4.30 -5.25 2.94
NA NA M . 3.15 -27.01 -10.41
NA NA N . 34.09 -6.00 -1.27
NA NA O . 0.71 -24.88 -24.15
NA NA P . -19.43 -29.21 13.29
#